data_6R7A
#
_entry.id   6R7A
#
_cell.length_a   62.320
_cell.length_b   62.320
_cell.length_c   157.850
_cell.angle_alpha   90.00
_cell.angle_beta   90.00
_cell.angle_gamma   90.00
#
_symmetry.space_group_name_H-M   'P 41 21 2'
#
loop_
_entity.id
_entity.type
_entity.pdbx_description
1 polymer 'Nuclear receptor ROR-gamma'
2 polymer LYS-HIS-LYS-ILE-LEU-HIS-ARG-LEU-LEU-GLN-ASP-SER
3 non-polymer ~{N}-[(1~{R})-1-(4-methoxyphenyl)-2-oxidanylidene-2-[(4-propan-2-ylphenyl)amino]ethyl]-2-oxidanylidene-3~{H}-pyridine-5-carboxamide
4 non-polymer 'SODIUM ION'
5 water water
#
loop_
_entity_poly.entity_id
_entity_poly.type
_entity_poly.pdbx_seq_one_letter_code
_entity_poly.pdbx_strand_id
1 'polypeptide(L)'
;MHNHNHNHNHNHNGGENLYFQGASLTEIEHLVQSVCKSYRETCQLRLEDLLRQRSNIFSREEVTGYQRKSMWEMWERCAH
HLTEAIQYVVEFAKRLSGFMELCQNDQIVLLKAGAMEVVLVRMCRAYNADNRTVFFEGKYGGMELFRALGCSELISSIFD
FSHSLSALHFSEDEIALYTALVLINAHRPGLQEKRKVEQLQYNLELAFHHHLCKTHRQSILAKLPPKGKLRSLCSQHVER
LQIFQHLHPIVVQAAFPPLYKELFSGGGKEKHKILHRLLQDSS
;
A
2 'polypeptide(L)' KEKHKILHRLLQDSS C
#
loop_
_chem_comp.id
_chem_comp.type
_chem_comp.name
_chem_comp.formula
JUE non-polymer ~{N}-[(1~{R})-1-(4-methoxyphenyl)-2-oxidanylidene-2-[(4-propan-2-ylphenyl)amino]ethyl]-2-oxidanylidene-3~{H}-pyridine-5-carboxamide 'C24 H25 N3 O4'
NA non-polymer 'SODIUM ION' 'Na 1'
#
# COMPACT_ATOMS: atom_id res chain seq x y z
N GLU A 16 26.08 7.93 5.97
CA GLU A 16 25.07 8.69 5.25
C GLU A 16 23.80 8.96 6.07
N ASN A 17 23.47 8.05 7.01
CA ASN A 17 22.31 8.16 7.91
C ASN A 17 22.55 7.35 9.18
N LEU A 18 22.08 7.87 10.32
CA LEU A 18 22.19 7.26 11.65
C LEU A 18 21.60 5.85 11.71
N TYR A 19 20.50 5.61 10.98
CA TYR A 19 19.80 4.33 11.01
C TYR A 19 20.38 3.28 10.05
N PHE A 20 21.57 3.58 9.45
CA PHE A 20 22.33 2.64 8.62
C PHE A 20 23.38 1.90 9.49
N GLN A 21 23.40 2.22 10.80
CA GLN A 21 24.25 1.62 11.84
C GLN A 21 23.39 1.32 13.09
N GLY A 22 24.01 0.76 14.13
CA GLY A 22 23.34 0.44 15.39
C GLY A 22 22.84 1.68 16.10
N ALA A 23 21.54 1.69 16.47
CA ALA A 23 20.90 2.83 17.14
C ALA A 23 20.55 2.51 18.58
N SER A 24 20.64 3.53 19.45
CA SER A 24 20.32 3.43 20.88
C SER A 24 18.80 3.58 21.08
N LEU A 25 18.31 3.25 22.31
CA LEU A 25 16.89 3.36 22.70
C LEU A 25 16.28 4.72 22.37
N THR A 26 17.01 5.81 22.72
CA THR A 26 16.57 7.19 22.48
C THR A 26 16.43 7.49 20.98
N GLU A 27 17.34 6.96 20.15
CA GLU A 27 17.26 7.12 18.70
C GLU A 27 16.13 6.25 18.11
N ILE A 28 15.83 5.09 18.76
CA ILE A 28 14.72 4.21 18.35
C ILE A 28 13.42 4.93 18.64
N GLU A 29 13.35 5.60 19.82
CA GLU A 29 12.19 6.40 20.23
C GLU A 29 11.94 7.55 19.26
N HIS A 30 13.02 8.21 18.77
CA HIS A 30 12.88 9.29 17.80
C HIS A 30 12.35 8.75 16.46
N LEU A 31 12.85 7.55 16.04
CA LEU A 31 12.45 6.88 14.80
C LEU A 31 10.94 6.61 14.80
N VAL A 32 10.40 6.17 15.95
CA VAL A 32 8.94 5.96 16.13
C VAL A 32 8.18 7.24 15.77
N GLN A 33 8.57 8.39 16.40
CA GLN A 33 7.92 9.68 16.17
C GLN A 33 8.05 10.14 14.73
N SER A 34 9.23 9.91 14.13
CA SER A 34 9.54 10.25 12.76
C SER A 34 8.64 9.48 11.75
N VAL A 35 8.53 8.16 11.91
CA VAL A 35 7.72 7.32 11.00
C VAL A 35 6.23 7.71 11.10
N CYS A 36 5.75 7.90 12.35
CA CYS A 36 4.37 8.27 12.60
C CYS A 36 4.00 9.62 12.01
N LYS A 37 4.95 10.59 12.05
CA LYS A 37 4.83 11.91 11.47
C LYS A 37 4.79 11.81 9.93
N SER A 38 5.77 11.09 9.31
CA SER A 38 5.86 10.86 7.86
C SER A 38 4.53 10.27 7.32
N TYR A 39 3.94 9.32 8.07
CA TYR A 39 2.68 8.70 7.70
C TYR A 39 1.48 9.65 7.82
N ARG A 40 1.40 10.42 8.94
CA ARG A 40 0.32 11.39 9.20
C ARG A 40 0.20 12.41 8.06
N GLU A 41 1.35 12.90 7.55
CA GLU A 41 1.46 13.86 6.44
C GLU A 41 1.22 13.25 5.04
N THR A 42 1.11 11.90 4.91
CA THR A 42 0.96 11.24 3.60
C THR A 42 -0.15 10.19 3.55
N CYS A 43 -0.99 10.10 4.60
CA CYS A 43 -2.04 9.06 4.72
C CYS A 43 -3.18 9.15 3.67
N GLN A 44 -3.18 10.20 2.80
CA GLN A 44 -4.12 10.46 1.69
C GLN A 44 -5.55 10.76 2.14
N LEU A 45 -6.15 9.82 2.87
CA LEU A 45 -7.50 9.93 3.42
C LEU A 45 -7.42 9.91 4.94
N ARG A 46 -8.12 10.86 5.57
CA ARG A 46 -8.19 10.99 7.03
C ARG A 46 -9.08 9.87 7.59
N LEU A 47 -8.59 9.15 8.63
CA LEU A 47 -9.34 8.05 9.26
C LEU A 47 -10.72 8.49 9.73
N GLU A 48 -10.79 9.69 10.37
CA GLU A 48 -12.05 10.26 10.85
C GLU A 48 -13.05 10.50 9.74
N ASP A 49 -12.58 10.86 8.51
CA ASP A 49 -13.46 11.03 7.35
C ASP A 49 -13.97 9.66 6.89
N LEU A 50 -13.09 8.63 6.92
CA LEU A 50 -13.44 7.27 6.51
C LEU A 50 -14.46 6.63 7.42
N LEU A 51 -14.30 6.83 8.74
CA LEU A 51 -15.22 6.29 9.75
C LEU A 51 -16.61 6.94 9.69
N ARG A 52 -16.66 8.26 9.46
CA ARG A 52 -17.91 9.01 9.35
C ARG A 52 -18.71 8.64 8.08
N GLN A 53 -17.99 8.25 7.01
CA GLN A 53 -18.60 7.88 5.72
C GLN A 53 -19.14 6.45 5.68
N ARG A 54 -18.92 5.64 6.74
CA ARG A 54 -19.38 4.26 6.84
C ARG A 54 -20.90 4.11 6.60
N SER A 55 -21.69 5.12 7.02
CA SER A 55 -23.14 5.14 6.83
C SER A 55 -23.53 5.47 5.36
N ASN A 56 -22.63 6.13 4.60
CA ASN A 56 -22.86 6.49 3.21
C ASN A 56 -22.54 5.28 2.28
N ILE A 57 -23.54 4.41 2.07
CA ILE A 57 -23.46 3.19 1.29
C ILE A 57 -24.13 3.36 -0.08
N PHE A 58 -23.56 2.74 -1.13
CA PHE A 58 -24.13 2.77 -2.47
C PHE A 58 -25.49 2.05 -2.50
N SER A 59 -26.46 2.63 -3.20
CA SER A 59 -27.80 2.05 -3.37
C SER A 59 -27.72 0.85 -4.32
N ARG A 60 -28.77 0.01 -4.35
CA ARG A 60 -28.86 -1.15 -5.25
C ARG A 60 -28.74 -0.69 -6.72
N GLU A 61 -29.34 0.48 -7.04
CA GLU A 61 -29.30 1.10 -8.36
C GLU A 61 -27.88 1.52 -8.74
N GLU A 62 -27.12 2.10 -7.78
CA GLU A 62 -25.73 2.53 -7.97
C GLU A 62 -24.81 1.34 -8.24
N VAL A 63 -24.96 0.26 -7.44
CA VAL A 63 -24.21 -1.00 -7.57
C VAL A 63 -24.46 -1.56 -8.97
N THR A 64 -25.75 -1.63 -9.42
CA THR A 64 -26.16 -2.10 -10.75
C THR A 64 -25.49 -1.27 -11.88
N GLY A 65 -25.40 0.05 -11.70
CA GLY A 65 -24.74 0.95 -12.65
C GLY A 65 -23.26 0.64 -12.82
N TYR A 66 -22.56 0.28 -11.72
CA TYR A 66 -21.15 -0.12 -11.74
C TYR A 66 -20.96 -1.46 -12.41
N GLN A 67 -21.90 -2.40 -12.16
CA GLN A 67 -21.92 -3.75 -12.74
C GLN A 67 -22.18 -3.69 -14.22
N ARG A 68 -22.97 -2.70 -14.66
CA ARG A 68 -23.30 -2.48 -16.07
C ARG A 68 -22.15 -1.81 -16.84
N LYS A 69 -21.16 -1.21 -16.13
CA LYS A 69 -20.00 -0.58 -16.78
C LYS A 69 -19.18 -1.64 -17.49
N SER A 70 -18.53 -1.26 -18.58
CA SER A 70 -17.68 -2.18 -19.33
C SER A 70 -16.47 -2.55 -18.48
N MET A 71 -15.86 -3.72 -18.77
CA MET A 71 -14.67 -4.22 -18.10
C MET A 71 -13.51 -3.24 -18.18
N TRP A 72 -13.27 -2.69 -19.38
CA TRP A 72 -12.18 -1.76 -19.64
C TRP A 72 -12.34 -0.46 -18.86
N GLU A 73 -13.57 0.06 -18.75
CA GLU A 73 -13.87 1.28 -18.00
C GLU A 73 -13.61 1.07 -16.49
N MET A 74 -14.10 -0.05 -15.91
CA MET A 74 -13.85 -0.34 -14.49
C MET A 74 -12.37 -0.50 -14.17
N TRP A 75 -11.61 -1.18 -15.07
CA TRP A 75 -10.17 -1.40 -14.95
C TRP A 75 -9.41 -0.09 -14.93
N GLU A 76 -9.83 0.83 -15.82
CA GLU A 76 -9.24 2.15 -15.95
C GLU A 76 -9.52 3.00 -14.69
N ARG A 77 -10.79 2.98 -14.20
CA ARG A 77 -11.16 3.71 -12.97
C ARG A 77 -10.32 3.18 -11.80
N CYS A 78 -10.23 1.85 -11.64
CA CYS A 78 -9.45 1.19 -10.57
C CYS A 78 -7.94 1.43 -10.68
N ALA A 79 -7.38 1.40 -11.90
CA ALA A 79 -5.95 1.66 -12.15
C ALA A 79 -5.60 3.10 -11.77
N HIS A 80 -6.50 4.05 -12.04
CA HIS A 80 -6.33 5.46 -11.68
C HIS A 80 -6.30 5.66 -10.15
N HIS A 81 -7.32 5.14 -9.44
CA HIS A 81 -7.43 5.29 -7.99
C HIS A 81 -6.26 4.64 -7.26
N LEU A 82 -5.81 3.48 -7.77
CA LEU A 82 -4.65 2.77 -7.25
C LEU A 82 -3.42 3.64 -7.46
N THR A 83 -3.26 4.21 -8.68
CA THR A 83 -2.13 5.08 -9.03
C THR A 83 -2.07 6.29 -8.10
N GLU A 84 -3.20 6.94 -7.85
CA GLU A 84 -3.26 8.08 -6.93
C GLU A 84 -2.78 7.66 -5.51
N ALA A 85 -3.25 6.48 -5.01
CA ALA A 85 -2.85 5.95 -3.70
C ALA A 85 -1.31 5.69 -3.63
N ILE A 86 -0.72 5.17 -4.73
CA ILE A 86 0.72 4.90 -4.86
C ILE A 86 1.54 6.20 -4.79
N GLN A 87 1.01 7.31 -5.31
CA GLN A 87 1.71 8.60 -5.27
C GLN A 87 1.92 9.08 -3.84
N TYR A 88 0.93 8.82 -2.97
CA TYR A 88 1.01 9.17 -1.56
C TYR A 88 2.03 8.27 -0.84
N VAL A 89 2.17 7.00 -1.32
CA VAL A 89 3.14 6.03 -0.79
C VAL A 89 4.56 6.49 -1.15
N VAL A 90 4.74 7.04 -2.38
CA VAL A 90 6.04 7.55 -2.85
C VAL A 90 6.46 8.72 -1.95
N GLU A 91 5.50 9.60 -1.59
CA GLU A 91 5.73 10.72 -0.69
C GLU A 91 6.06 10.23 0.73
N PHE A 92 5.40 9.14 1.18
CA PHE A 92 5.66 8.52 2.48
C PHE A 92 7.12 8.00 2.52
N ALA A 93 7.54 7.27 1.45
CA ALA A 93 8.90 6.73 1.28
C ALA A 93 9.93 7.87 1.34
N LYS A 94 9.68 8.97 0.60
CA LYS A 94 10.57 10.14 0.53
C LYS A 94 10.78 10.83 1.90
N ARG A 95 9.76 10.82 2.78
CA ARG A 95 9.85 11.42 4.12
C ARG A 95 10.39 10.44 5.16
N LEU A 96 10.50 9.17 4.79
CA LEU A 96 10.94 8.09 5.67
C LEU A 96 12.44 8.21 5.93
N SER A 97 12.81 8.21 7.23
CA SER A 97 14.19 8.35 7.71
C SER A 97 15.09 7.26 7.09
N GLY A 98 16.08 7.70 6.31
CA GLY A 98 17.03 6.82 5.65
C GLY A 98 16.74 6.49 4.20
N PHE A 99 15.45 6.56 3.78
CA PHE A 99 15.07 6.23 2.39
C PHE A 99 15.79 7.03 1.31
N MET A 100 15.85 8.37 1.45
CA MET A 100 16.50 9.23 0.44
C MET A 100 18.03 9.10 0.44
N GLU A 101 18.61 8.48 1.50
CA GLU A 101 20.05 8.25 1.62
C GLU A 101 20.48 6.99 0.90
N LEU A 102 19.52 6.15 0.49
CA LEU A 102 19.78 4.95 -0.32
C LEU A 102 20.00 5.42 -1.76
N CYS A 103 20.65 4.60 -2.60
CA CYS A 103 20.86 4.96 -4.01
C CYS A 103 19.56 4.87 -4.80
N GLN A 104 19.49 5.55 -5.95
CA GLN A 104 18.34 5.61 -6.86
C GLN A 104 17.85 4.22 -7.32
N ASN A 105 18.76 3.27 -7.56
CA ASN A 105 18.37 1.92 -7.97
C ASN A 105 17.57 1.26 -6.85
N ASP A 106 18.10 1.31 -5.60
CA ASP A 106 17.47 0.70 -4.42
C ASP A 106 16.11 1.31 -4.06
N GLN A 107 15.98 2.64 -4.18
CA GLN A 107 14.74 3.39 -3.94
C GLN A 107 13.64 2.91 -4.91
N ILE A 108 14.01 2.72 -6.18
CA ILE A 108 13.12 2.24 -7.23
C ILE A 108 12.74 0.79 -6.99
N VAL A 109 13.73 -0.06 -6.66
CA VAL A 109 13.52 -1.48 -6.34
C VAL A 109 12.51 -1.59 -5.19
N LEU A 110 12.77 -0.85 -4.08
CA LEU A 110 11.89 -0.88 -2.91
C LEU A 110 10.47 -0.39 -3.23
N LEU A 111 10.33 0.66 -4.05
CA LEU A 111 9.00 1.16 -4.42
C LEU A 111 8.28 0.27 -5.43
N LYS A 112 8.99 -0.31 -6.41
CA LYS A 112 8.39 -1.21 -7.39
C LYS A 112 7.84 -2.48 -6.73
N ALA A 113 8.60 -3.02 -5.78
CA ALA A 113 8.16 -4.22 -5.08
C ALA A 113 7.16 -3.94 -3.95
N GLY A 114 7.28 -2.78 -3.30
CA GLY A 114 6.47 -2.49 -2.11
C GLY A 114 5.34 -1.50 -2.13
N ALA A 115 5.27 -0.58 -3.13
CA ALA A 115 4.21 0.45 -3.14
C ALA A 115 2.79 -0.14 -3.07
N MET A 116 2.51 -1.16 -3.90
CA MET A 116 1.23 -1.86 -3.99
C MET A 116 0.90 -2.59 -2.67
N GLU A 117 1.92 -3.21 -2.03
CA GLU A 117 1.74 -3.86 -0.75
C GLU A 117 1.36 -2.85 0.34
N VAL A 118 1.99 -1.65 0.33
CA VAL A 118 1.68 -0.56 1.27
C VAL A 118 0.23 -0.11 1.07
N VAL A 119 -0.17 0.08 -0.21
CA VAL A 119 -1.56 0.47 -0.57
C VAL A 119 -2.56 -0.58 -0.01
N LEU A 120 -2.25 -1.88 -0.16
CA LEU A 120 -3.12 -2.97 0.33
C LEU A 120 -3.27 -2.94 1.84
N VAL A 121 -2.19 -2.58 2.56
CA VAL A 121 -2.24 -2.47 4.03
C VAL A 121 -3.07 -1.23 4.38
N ARG A 122 -2.74 -0.04 3.79
CA ARG A 122 -3.48 1.22 3.98
C ARG A 122 -5.00 1.05 3.78
N MET A 123 -5.39 0.21 2.81
CA MET A 123 -6.76 -0.12 2.44
C MET A 123 -7.67 -0.58 3.59
N CYS A 124 -7.12 -1.29 4.59
CA CYS A 124 -7.90 -1.80 5.72
C CYS A 124 -8.64 -0.68 6.49
N ARG A 125 -8.09 0.56 6.47
CA ARG A 125 -8.70 1.76 7.08
C ARG A 125 -10.01 2.15 6.36
N ALA A 126 -10.05 1.93 5.03
CA ALA A 126 -11.18 2.29 4.16
C ALA A 126 -12.17 1.13 4.03
N TYR A 127 -11.91 0.04 4.75
CA TYR A 127 -12.71 -1.17 4.70
C TYR A 127 -13.50 -1.31 6.01
N ASN A 128 -14.80 -1.58 5.89
CA ASN A 128 -15.68 -1.76 7.05
C ASN A 128 -16.00 -3.25 7.19
N ALA A 129 -15.41 -3.89 8.22
CA ALA A 129 -15.60 -5.32 8.50
C ALA A 129 -17.04 -5.68 8.94
N ASP A 130 -17.79 -4.71 9.50
CA ASP A 130 -19.18 -4.89 9.97
C ASP A 130 -20.14 -5.32 8.85
N ASN A 131 -20.01 -4.70 7.66
CA ASN A 131 -20.89 -5.02 6.53
C ASN A 131 -20.10 -5.47 5.29
N ARG A 132 -18.77 -5.63 5.45
CA ARG A 132 -17.85 -6.06 4.38
C ARG A 132 -17.90 -5.11 3.17
N THR A 133 -17.76 -3.80 3.42
CA THR A 133 -17.76 -2.77 2.37
C THR A 133 -16.44 -1.99 2.36
N VAL A 134 -16.09 -1.47 1.20
CA VAL A 134 -14.89 -0.68 1.01
C VAL A 134 -15.30 0.72 0.49
N PHE A 135 -14.50 1.76 0.82
CA PHE A 135 -14.73 3.12 0.34
C PHE A 135 -14.17 3.22 -1.08
N PHE A 136 -15.03 3.58 -2.03
CA PHE A 136 -14.69 3.68 -3.44
C PHE A 136 -15.57 4.76 -4.07
N GLU A 137 -14.94 5.75 -4.71
CA GLU A 137 -15.57 6.88 -5.42
C GLU A 137 -16.70 7.57 -4.61
N GLY A 138 -16.38 7.98 -3.39
CA GLY A 138 -17.31 8.71 -2.54
C GLY A 138 -18.22 7.92 -1.62
N LYS A 139 -18.42 6.60 -1.85
CA LYS A 139 -19.29 5.81 -0.96
C LYS A 139 -18.69 4.44 -0.65
N TYR A 140 -19.33 3.71 0.26
CA TYR A 140 -18.95 2.36 0.66
C TYR A 140 -19.76 1.33 -0.14
N GLY A 141 -19.06 0.37 -0.72
CA GLY A 141 -19.67 -0.70 -1.50
C GLY A 141 -19.03 -2.05 -1.23
N GLY A 142 -19.82 -3.11 -1.40
CA GLY A 142 -19.37 -4.49 -1.24
C GLY A 142 -18.57 -4.92 -2.45
N MET A 143 -18.05 -6.15 -2.47
CA MET A 143 -17.25 -6.63 -3.61
C MET A 143 -18.06 -6.76 -4.92
N GLU A 144 -19.40 -6.90 -4.81
CA GLU A 144 -20.31 -6.99 -5.96
C GLU A 144 -20.20 -5.76 -6.88
N LEU A 145 -19.69 -4.65 -6.33
CA LEU A 145 -19.49 -3.39 -7.03
C LEU A 145 -18.40 -3.52 -8.13
N PHE A 146 -17.48 -4.50 -7.98
CA PHE A 146 -16.35 -4.70 -8.89
C PHE A 146 -16.54 -5.89 -9.83
N ARG A 147 -17.77 -6.44 -9.90
CA ARG A 147 -18.12 -7.61 -10.74
C ARG A 147 -17.77 -7.43 -12.23
N ALA A 148 -17.79 -6.19 -12.76
CA ALA A 148 -17.48 -5.95 -14.17
C ALA A 148 -15.98 -6.15 -14.49
N LEU A 149 -15.10 -6.11 -13.45
CA LEU A 149 -13.65 -6.31 -13.64
C LEU A 149 -13.30 -7.68 -14.19
N GLY A 150 -14.07 -8.69 -13.79
CA GLY A 150 -13.84 -10.05 -14.23
C GLY A 150 -12.61 -10.66 -13.57
N CYS A 151 -12.39 -10.36 -12.26
CA CYS A 151 -11.30 -10.93 -11.47
C CYS A 151 -11.75 -11.10 -10.01
N SER A 152 -12.90 -11.80 -9.85
CA SER A 152 -13.55 -12.09 -8.56
C SER A 152 -12.61 -12.73 -7.53
N GLU A 153 -11.69 -13.63 -7.96
CA GLU A 153 -10.71 -14.28 -7.07
C GLU A 153 -9.79 -13.25 -6.41
N LEU A 154 -9.18 -12.36 -7.22
CA LEU A 154 -8.32 -11.27 -6.76
C LEU A 154 -9.08 -10.30 -5.83
N ILE A 155 -10.30 -9.88 -6.23
CA ILE A 155 -11.14 -8.95 -5.45
C ILE A 155 -11.52 -9.58 -4.13
N SER A 156 -12.03 -10.84 -4.15
CA SER A 156 -12.39 -11.53 -2.92
C SER A 156 -11.17 -11.71 -2.00
N SER A 157 -9.98 -11.96 -2.56
CA SER A 157 -8.71 -12.13 -1.83
C SER A 157 -8.28 -10.82 -1.17
N ILE A 158 -8.51 -9.68 -1.85
CA ILE A 158 -8.17 -8.37 -1.30
C ILE A 158 -9.13 -8.06 -0.14
N PHE A 159 -10.42 -8.37 -0.33
CA PHE A 159 -11.46 -8.14 0.68
C PHE A 159 -11.23 -8.99 1.91
N ASP A 160 -10.80 -10.25 1.72
CA ASP A 160 -10.50 -11.17 2.81
C ASP A 160 -9.30 -10.70 3.61
N PHE A 161 -8.28 -10.18 2.91
CA PHE A 161 -7.06 -9.63 3.49
C PHE A 161 -7.35 -8.39 4.33
N SER A 162 -8.17 -7.44 3.79
CA SER A 162 -8.60 -6.24 4.50
C SER A 162 -9.45 -6.61 5.71
N HIS A 163 -10.26 -7.69 5.58
CA HIS A 163 -11.08 -8.23 6.66
C HIS A 163 -10.18 -8.76 7.79
N SER A 164 -9.13 -9.53 7.45
CA SER A 164 -8.22 -10.05 8.48
C SER A 164 -7.39 -8.93 9.14
N LEU A 165 -6.98 -7.89 8.38
CA LEU A 165 -6.26 -6.74 8.97
C LEU A 165 -7.16 -5.94 9.89
N SER A 166 -8.45 -5.75 9.51
CA SER A 166 -9.47 -5.04 10.31
C SER A 166 -9.67 -5.66 11.70
N ALA A 167 -9.54 -7.00 11.80
CA ALA A 167 -9.68 -7.78 13.03
C ALA A 167 -8.55 -7.46 14.05
N LEU A 168 -7.43 -6.91 13.56
CA LEU A 168 -6.30 -6.53 14.41
C LEU A 168 -6.52 -5.19 15.13
N HIS A 169 -7.50 -4.38 14.66
CA HIS A 169 -7.83 -3.06 15.21
C HIS A 169 -6.58 -2.16 15.30
N PHE A 170 -5.86 -2.06 14.19
CA PHE A 170 -4.64 -1.27 14.07
C PHE A 170 -4.89 0.19 14.40
N SER A 171 -3.97 0.82 15.13
CA SER A 171 -4.04 2.25 15.35
C SER A 171 -3.31 2.86 14.15
N GLU A 172 -3.41 4.20 13.96
CA GLU A 172 -2.73 4.90 12.87
C GLU A 172 -1.20 4.79 13.03
N ASP A 173 -0.71 4.82 14.29
CA ASP A 173 0.71 4.70 14.60
C ASP A 173 1.24 3.32 14.22
N GLU A 174 0.45 2.27 14.49
CA GLU A 174 0.80 0.88 14.14
C GLU A 174 0.84 0.70 12.64
N ILE A 175 -0.13 1.30 11.92
CA ILE A 175 -0.18 1.24 10.45
C ILE A 175 1.08 1.91 9.91
N ALA A 176 1.44 3.11 10.45
CA ALA A 176 2.62 3.89 10.08
C ALA A 176 3.89 3.04 10.15
N LEU A 177 4.10 2.40 11.29
CA LEU A 177 5.30 1.60 11.55
C LEU A 177 5.34 0.30 10.76
N TYR A 178 4.20 -0.42 10.66
CA TYR A 178 4.13 -1.69 9.94
C TYR A 178 4.37 -1.47 8.42
N THR A 179 3.80 -0.40 7.92
CA THR A 179 3.82 -0.01 6.53
C THR A 179 5.24 0.45 6.13
N ALA A 180 5.98 1.10 7.05
CA ALA A 180 7.39 1.46 6.81
C ALA A 180 8.20 0.16 6.62
N LEU A 181 7.90 -0.88 7.43
CA LEU A 181 8.57 -2.20 7.34
C LEU A 181 8.24 -2.98 6.06
N VAL A 182 6.98 -2.88 5.58
CA VAL A 182 6.51 -3.48 4.34
C VAL A 182 7.41 -2.92 3.19
N LEU A 183 7.66 -1.62 3.21
CA LEU A 183 8.48 -0.92 2.23
C LEU A 183 9.98 -1.18 2.38
N ILE A 184 10.54 -1.04 3.60
CA ILE A 184 11.97 -1.25 3.83
C ILE A 184 12.25 -2.73 4.11
N ASN A 185 12.31 -3.49 3.01
CA ASN A 185 12.51 -4.94 3.02
C ASN A 185 13.81 -5.25 2.30
N ALA A 186 14.84 -5.66 3.08
CA ALA A 186 16.17 -5.96 2.56
C ALA A 186 16.28 -7.22 1.72
N HIS A 187 15.20 -8.01 1.67
CA HIS A 187 15.19 -9.22 0.88
C HIS A 187 14.65 -9.03 -0.54
N ARG A 188 14.36 -7.76 -0.96
CA ARG A 188 13.87 -7.48 -2.31
C ARG A 188 14.96 -7.78 -3.35
N PRO A 189 14.68 -8.65 -4.35
CA PRO A 189 15.69 -8.90 -5.40
C PRO A 189 16.08 -7.61 -6.12
N GLY A 190 17.38 -7.42 -6.36
CA GLY A 190 17.89 -6.26 -7.10
C GLY A 190 18.51 -5.15 -6.28
N LEU A 191 18.59 -5.32 -4.94
CA LEU A 191 19.18 -4.32 -4.07
C LEU A 191 20.69 -4.35 -4.18
N GLN A 192 21.26 -3.18 -4.49
CA GLN A 192 22.69 -3.01 -4.62
C GLN A 192 23.37 -2.81 -3.24
N GLU A 193 22.72 -2.02 -2.34
CA GLU A 193 23.24 -1.74 -0.98
C GLU A 193 22.40 -2.51 0.05
N LYS A 194 22.40 -3.84 -0.08
CA LYS A 194 21.63 -4.77 0.76
C LYS A 194 21.90 -4.60 2.26
N ARG A 195 23.15 -4.41 2.66
CA ARG A 195 23.56 -4.23 4.06
C ARG A 195 22.99 -2.96 4.67
N LYS A 196 22.95 -1.86 3.88
CA LYS A 196 22.37 -0.58 4.27
C LYS A 196 20.86 -0.74 4.49
N VAL A 197 20.16 -1.47 3.58
CA VAL A 197 18.72 -1.72 3.69
C VAL A 197 18.44 -2.59 4.93
N GLU A 198 19.28 -3.63 5.16
CA GLU A 198 19.21 -4.53 6.32
C GLU A 198 19.27 -3.78 7.64
N GLN A 199 20.18 -2.81 7.76
CA GLN A 199 20.32 -2.05 9.00
C GLN A 199 19.15 -1.11 9.21
N LEU A 200 18.68 -0.48 8.11
CA LEU A 200 17.49 0.37 8.14
C LEU A 200 16.25 -0.46 8.56
N GLN A 201 16.08 -1.66 7.97
CA GLN A 201 14.97 -2.57 8.32
C GLN A 201 15.02 -2.96 9.81
N TYR A 202 16.21 -3.32 10.32
CA TYR A 202 16.43 -3.69 11.73
C TYR A 202 15.98 -2.59 12.70
N ASN A 203 16.38 -1.33 12.47
CA ASN A 203 16.01 -0.18 13.31
C ASN A 203 14.51 0.09 13.26
N LEU A 204 13.91 -0.02 12.06
CA LEU A 204 12.48 0.11 11.86
C LEU A 204 11.74 -1.04 12.54
N GLU A 205 12.31 -2.29 12.54
CA GLU A 205 11.73 -3.46 13.25
C GLU A 205 11.72 -3.14 14.76
N LEU A 206 12.84 -2.61 15.29
CA LEU A 206 13.00 -2.18 16.69
C LEU A 206 12.01 -1.08 17.05
N ALA A 207 11.82 -0.08 16.16
CA ALA A 207 10.88 1.02 16.39
C ALA A 207 9.43 0.51 16.50
N PHE A 208 9.04 -0.40 15.58
CA PHE A 208 7.71 -1.02 15.59
C PHE A 208 7.51 -1.87 16.86
N HIS A 209 8.46 -2.76 17.17
CA HIS A 209 8.35 -3.64 18.33
C HIS A 209 8.39 -2.85 19.65
N HIS A 210 9.16 -1.74 19.68
CA HIS A 210 9.24 -0.84 20.84
C HIS A 210 7.89 -0.18 21.13
N HIS A 211 7.23 0.38 20.09
CA HIS A 211 5.93 1.01 20.22
C HIS A 211 4.86 -0.01 20.69
N LEU A 212 4.92 -1.24 20.14
CA LEU A 212 3.99 -2.31 20.53
C LEU A 212 4.19 -2.69 21.99
N CYS A 213 5.48 -2.75 22.44
CA CYS A 213 5.84 -3.05 23.81
C CYS A 213 5.26 -1.99 24.76
N LYS A 214 5.49 -0.71 24.42
CA LYS A 214 5.05 0.49 25.13
C LYS A 214 3.53 0.59 25.27
N THR A 215 2.78 0.14 24.25
CA THR A 215 1.31 0.20 24.22
C THR A 215 0.65 -1.15 24.55
N HIS A 216 1.46 -2.16 24.96
CA HIS A 216 1.02 -3.52 25.33
C HIS A 216 0.18 -4.12 24.20
N ARG A 217 0.78 -4.16 22.99
CA ARG A 217 0.14 -4.63 21.77
C ARG A 217 1.05 -5.65 21.06
N GLN A 218 2.01 -6.24 21.81
CA GLN A 218 2.93 -7.26 21.29
C GLN A 218 2.20 -8.53 20.86
N SER A 219 1.00 -8.76 21.41
CA SER A 219 0.10 -9.87 21.06
C SER A 219 -0.29 -9.88 19.56
N ILE A 220 -0.20 -8.72 18.85
CA ILE A 220 -0.54 -8.67 17.42
C ILE A 220 0.58 -9.29 16.55
N LEU A 221 1.84 -9.35 17.06
CA LEU A 221 3.00 -9.89 16.33
C LEU A 221 2.73 -11.27 15.69
N ALA A 222 2.15 -12.20 16.48
CA ALA A 222 1.78 -13.55 16.04
C ALA A 222 0.57 -13.55 15.09
N LYS A 223 -0.26 -12.49 15.14
CA LYS A 223 -1.48 -12.36 14.34
C LYS A 223 -1.29 -11.59 13.02
N LEU A 224 -0.07 -11.08 12.78
CA LEU A 224 0.23 -10.33 11.55
C LEU A 224 0.25 -11.25 10.33
N PRO A 225 -0.13 -10.77 9.12
CA PRO A 225 -0.12 -11.69 7.96
C PRO A 225 1.30 -12.14 7.56
N PRO A 226 1.47 -13.38 7.02
CA PRO A 226 2.81 -13.81 6.58
C PRO A 226 3.24 -12.98 5.37
N LYS A 227 4.56 -12.73 5.19
CA LYS A 227 5.07 -11.89 4.07
C LYS A 227 4.69 -12.40 2.68
N GLY A 228 4.46 -13.72 2.57
CA GLY A 228 4.05 -14.36 1.34
C GLY A 228 2.62 -14.02 0.93
N LYS A 229 1.81 -13.55 1.89
CA LYS A 229 0.42 -13.17 1.63
C LYS A 229 0.35 -11.88 0.79
N LEU A 230 1.20 -10.90 1.12
CA LEU A 230 1.28 -9.63 0.38
C LEU A 230 1.87 -9.81 -1.01
N ARG A 231 2.88 -10.69 -1.14
CA ARG A 231 3.53 -11.03 -2.40
C ARG A 231 2.55 -11.75 -3.33
N SER A 232 1.75 -12.71 -2.77
CA SER A 232 0.74 -13.47 -3.54
C SER A 232 -0.32 -12.53 -4.14
N LEU A 233 -0.78 -11.54 -3.36
CA LEU A 233 -1.78 -10.56 -3.79
C LEU A 233 -1.24 -9.71 -4.94
N CYS A 234 0.03 -9.29 -4.83
CA CYS A 234 0.73 -8.50 -5.84
C CYS A 234 0.98 -9.28 -7.11
N SER A 235 1.37 -10.56 -6.99
CA SER A 235 1.58 -11.47 -8.12
C SER A 235 0.25 -11.73 -8.83
N GLN A 236 -0.87 -11.88 -8.08
CA GLN A 236 -2.19 -12.06 -8.66
C GLN A 236 -2.64 -10.81 -9.43
N HIS A 237 -2.32 -9.60 -8.89
CA HIS A 237 -2.63 -8.32 -9.53
C HIS A 237 -1.96 -8.22 -10.89
N VAL A 238 -0.64 -8.47 -10.93
CA VAL A 238 0.15 -8.43 -12.17
C VAL A 238 -0.40 -9.45 -13.20
N GLU A 239 -0.78 -10.67 -12.73
CA GLU A 239 -1.36 -11.74 -13.55
C GLU A 239 -2.70 -11.32 -14.19
N ARG A 240 -3.63 -10.74 -13.38
CA ARG A 240 -4.91 -10.27 -13.86
C ARG A 240 -4.75 -9.08 -14.82
N LEU A 241 -3.69 -8.26 -14.62
CA LEU A 241 -3.37 -7.15 -15.52
C LEU A 241 -3.01 -7.66 -16.91
N GLN A 242 -2.16 -8.69 -16.97
CA GLN A 242 -1.73 -9.33 -18.23
C GLN A 242 -2.92 -9.90 -19.02
N ILE A 243 -3.90 -10.53 -18.32
CA ILE A 243 -5.11 -11.07 -18.95
C ILE A 243 -5.95 -9.90 -19.52
N PHE A 244 -6.05 -8.78 -18.78
CA PHE A 244 -6.77 -7.59 -19.24
C PHE A 244 -6.07 -6.97 -20.45
N GLN A 245 -4.72 -6.93 -20.40
CA GLN A 245 -3.85 -6.39 -21.44
C GLN A 245 -4.05 -7.11 -22.76
N HIS A 246 -4.17 -8.45 -22.73
CA HIS A 246 -4.40 -9.28 -23.93
C HIS A 246 -5.74 -8.87 -24.60
N LEU A 247 -6.80 -8.71 -23.79
CA LEU A 247 -8.16 -8.33 -24.24
C LEU A 247 -8.30 -6.88 -24.70
N HIS A 248 -7.65 -5.94 -24.00
CA HIS A 248 -7.75 -4.52 -24.33
C HIS A 248 -6.36 -3.85 -24.30
N PRO A 249 -5.45 -4.18 -25.26
CA PRO A 249 -4.09 -3.59 -25.21
C PRO A 249 -4.04 -2.08 -25.46
N ILE A 250 -4.92 -1.56 -26.32
CA ILE A 250 -5.01 -0.14 -26.63
C ILE A 250 -5.58 0.62 -25.45
N VAL A 251 -6.43 -0.04 -24.62
CA VAL A 251 -6.94 0.60 -23.40
C VAL A 251 -5.77 0.86 -22.44
N VAL A 252 -4.87 -0.13 -22.24
CA VAL A 252 -3.68 -0.01 -21.34
C VAL A 252 -2.74 1.08 -21.85
N GLN A 253 -2.30 0.93 -23.12
CA GLN A 253 -1.42 1.87 -23.83
C GLN A 253 -1.90 3.33 -23.83
N ALA A 254 -3.20 3.55 -24.11
CA ALA A 254 -3.77 4.89 -24.23
C ALA A 254 -4.37 5.50 -22.97
N ALA A 255 -5.04 4.69 -22.14
CA ALA A 255 -5.79 5.22 -21.00
C ALA A 255 -5.30 4.82 -19.59
N PHE A 256 -4.37 3.86 -19.45
CA PHE A 256 -3.87 3.52 -18.11
C PHE A 256 -2.82 4.55 -17.64
N PRO A 257 -2.79 4.97 -16.35
CA PRO A 257 -1.80 5.98 -15.92
C PRO A 257 -0.36 5.55 -16.21
N PRO A 258 0.51 6.46 -16.70
CA PRO A 258 1.91 6.07 -16.97
C PRO A 258 2.63 5.44 -15.76
N LEU A 259 2.37 5.93 -14.53
CA LEU A 259 2.98 5.39 -13.31
C LEU A 259 2.59 3.94 -13.08
N TYR A 260 1.30 3.60 -13.34
CA TYR A 260 0.77 2.24 -13.21
C TYR A 260 1.53 1.30 -14.15
N LYS A 261 1.66 1.66 -15.44
CA LYS A 261 2.34 0.86 -16.47
C LYS A 261 3.82 0.64 -16.14
N GLU A 262 4.47 1.66 -15.58
CA GLU A 262 5.86 1.63 -15.16
C GLU A 262 6.08 0.59 -14.05
N LEU A 263 5.14 0.50 -13.09
CA LEU A 263 5.24 -0.44 -11.98
C LEU A 263 4.74 -1.85 -12.28
N PHE A 264 3.64 -1.98 -13.04
CA PHE A 264 3.00 -3.28 -13.25
C PHE A 264 3.07 -3.89 -14.65
N SER A 265 3.43 -3.12 -15.70
CA SER A 265 3.55 -3.68 -17.06
C SER A 265 5.01 -3.96 -17.38
N GLY A 266 5.88 -2.97 -17.15
CA GLY A 266 7.31 -3.03 -17.40
C GLY A 266 7.87 -1.72 -17.87
N LYS B 3 12.95 1.97 -18.20
CA LYS B 3 12.77 3.40 -18.38
C LYS B 3 12.64 4.13 -17.02
N HIS B 4 11.64 3.73 -16.20
CA HIS B 4 11.32 4.28 -14.86
C HIS B 4 11.23 5.82 -14.82
N LYS B 5 10.82 6.41 -15.96
CA LYS B 5 10.67 7.84 -16.21
C LYS B 5 9.92 8.60 -15.09
N ILE B 6 8.64 8.22 -14.81
CA ILE B 6 7.78 8.86 -13.80
C ILE B 6 8.36 8.72 -12.39
N LEU B 7 8.80 7.51 -12.01
CA LEU B 7 9.34 7.22 -10.68
C LEU B 7 10.59 8.03 -10.36
N HIS B 8 11.54 8.11 -11.31
CA HIS B 8 12.76 8.91 -11.22
C HIS B 8 12.39 10.37 -10.98
N ARG B 9 11.43 10.89 -11.77
CA ARG B 9 10.94 12.26 -11.68
C ARG B 9 10.34 12.52 -10.31
N LEU B 10 9.44 11.64 -9.82
CA LEU B 10 8.81 11.78 -8.50
C LEU B 10 9.87 11.82 -7.40
N LEU B 11 10.90 10.94 -7.50
CA LEU B 11 12.00 10.85 -6.54
C LEU B 11 12.91 12.09 -6.56
N GLN B 12 13.15 12.66 -7.74
CA GLN B 12 14.00 13.84 -7.93
C GLN B 12 13.31 15.14 -7.52
N ASP B 13 12.01 15.29 -7.85
CA ASP B 13 11.20 16.49 -7.59
C ASP B 13 11.10 16.84 -6.08
N SER B 14 12.00 17.73 -5.63
CA SER B 14 12.08 18.22 -4.25
C SER B 14 11.69 19.70 -4.16
C1 JUE C . -5.25 5.36 1.05
O2 JUE C . -6.26 4.38 1.11
C3 JUE C . -7.23 4.55 0.11
C4 JUE C . -8.45 3.96 0.33
C5 JUE C . -9.47 4.07 -0.60
C6 JUE C . -9.26 4.78 -1.77
C7 JUE C . -8.03 5.36 -1.99
C8 JUE C . -7.02 5.25 -1.06
C9 JUE C . -10.37 4.85 -2.77
N10 JUE C . -10.45 6.08 -3.55
C11 JUE C . -11.30 6.26 -4.65
O12 JUE C . -12.20 5.49 -4.97
C13 JUE C . -11.05 7.45 -5.49
C14 JUE C . -9.78 7.84 -5.66
N15 JUE C . -9.53 8.92 -6.47
C16 JUE C . -10.49 9.64 -7.15
O17 JUE C . -10.26 10.60 -7.88
C18 JUE C . -11.90 9.19 -6.97
C19 JUE C . -12.11 8.14 -6.16
C20 JUE C . -10.15 3.73 -3.75
O21 JUE C . -9.31 3.81 -4.65
N22 JUE C . -10.97 2.65 -3.48
C23 JUE C . -10.75 1.34 -3.95
C24 JUE C . -11.22 0.28 -3.21
C25 JUE C . -11.04 -1.01 -3.67
C26 JUE C . -10.39 -1.26 -4.86
C27 JUE C . -9.92 -0.19 -5.59
C28 JUE C . -10.11 1.10 -5.16
C29 JUE C . -10.15 -2.65 -5.39
C30 JUE C . -10.61 -2.80 -6.82
C31 JUE C . -10.74 -3.75 -4.54
NA NA D . -11.18 -1.69 8.56
#